data_9KFR
#
_entry.id   9KFR
#
_entity_poly.entity_id   1
_entity_poly.type   'polypeptide(L)'
_entity_poly.pdbx_seq_one_letter_code
;GCKPKGAPCSPLMYPCCTGPCPGAGWLMKDCLCC
;
_entity_poly.pdbx_strand_id   A
#
# COMPACT_ATOMS: atom_id res chain seq x y z
N GLY A 1 6.37 6.19 -4.31
CA GLY A 1 5.18 5.52 -3.72
C GLY A 1 4.73 4.31 -4.53
N CYS A 2 3.75 3.59 -4.02
CA CYS A 2 3.24 2.41 -4.69
C CYS A 2 1.80 2.63 -5.16
N LYS A 3 1.16 1.55 -5.60
CA LYS A 3 -0.21 1.61 -6.10
C LYS A 3 -1.17 2.24 -5.09
N PRO A 4 -2.31 2.78 -5.58
CA PRO A 4 -3.32 3.42 -4.75
C PRO A 4 -4.37 2.44 -4.22
N LYS A 5 -5.23 2.93 -3.34
CA LYS A 5 -6.29 2.12 -2.74
C LYS A 5 -7.12 1.38 -3.79
N GLY A 6 -8.04 0.53 -3.33
CA GLY A 6 -8.89 -0.22 -4.24
C GLY A 6 -8.68 -1.72 -4.16
N ALA A 7 -7.77 -2.17 -3.30
CA ALA A 7 -7.51 -3.59 -3.14
C ALA A 7 -7.99 -4.10 -1.79
N PRO A 8 -8.38 -5.39 -1.71
CA PRO A 8 -8.85 -5.98 -0.45
C PRO A 8 -7.68 -6.32 0.47
N CYS A 9 -7.71 -5.75 1.68
CA CYS A 9 -6.66 -5.95 2.68
C CYS A 9 -6.85 -5.00 3.85
N SER A 10 -6.36 -5.40 5.01
CA SER A 10 -6.47 -4.58 6.20
C SER A 10 -5.18 -3.80 6.45
N PRO A 11 -5.22 -2.46 6.36
CA PRO A 11 -4.04 -1.62 6.58
C PRO A 11 -3.43 -1.81 7.97
N LEU A 12 -2.12 -2.03 8.01
CA LEU A 12 -1.41 -2.21 9.27
C LEU A 12 -0.55 -0.98 9.56
N MET A 13 -1.19 0.04 10.13
CA MET A 13 -0.51 1.30 10.46
C MET A 13 -0.24 2.12 9.19
N TYR A 14 -0.12 1.43 8.06
CA TYR A 14 0.13 2.09 6.78
C TYR A 14 -1.00 1.81 5.80
N PRO A 15 -1.31 2.79 4.93
CA PRO A 15 -2.38 2.67 3.92
C PRO A 15 -2.36 1.35 3.12
N CYS A 16 -3.43 1.16 2.35
CA CYS A 16 -3.74 -0.04 1.53
C CYS A 16 -3.33 -0.04 0.02
N CYS A 17 -2.16 -0.53 -0.37
CA CYS A 17 -1.80 -0.52 -1.79
C CYS A 17 -2.54 -1.63 -2.55
N THR A 18 -2.72 -1.45 -3.87
CA THR A 18 -3.40 -2.45 -4.69
C THR A 18 -2.43 -3.20 -5.58
N GLY A 19 -1.28 -3.55 -5.01
CA GLY A 19 -0.26 -4.28 -5.73
C GLY A 19 1.07 -4.21 -5.00
N PRO A 20 1.43 -5.26 -4.22
CA PRO A 20 2.67 -5.26 -3.46
C PRO A 20 3.88 -4.84 -4.29
N CYS A 21 4.61 -3.86 -3.78
CA CYS A 21 5.82 -3.36 -4.44
C CYS A 21 7.07 -4.09 -3.93
N PRO A 22 8.26 -3.81 -4.48
CA PRO A 22 9.49 -4.46 -4.05
C PRO A 22 9.74 -4.28 -2.55
N GLY A 23 9.54 -3.06 -2.07
CA GLY A 23 9.72 -2.76 -0.66
C GLY A 23 8.65 -3.40 0.21
N ALA A 24 8.52 -2.89 1.43
CA ALA A 24 7.51 -3.42 2.35
C ALA A 24 7.16 -2.41 3.42
N GLY A 25 6.34 -1.42 3.06
CA GLY A 25 5.94 -0.41 4.03
C GLY A 25 6.38 0.99 3.66
N TRP A 26 6.90 1.19 2.46
CA TRP A 26 7.35 2.51 2.03
C TRP A 26 6.33 3.09 1.05
N LEU A 27 5.55 4.06 1.51
CA LEU A 27 4.56 4.66 0.65
C LEU A 27 4.68 6.17 0.55
N MET A 28 4.58 6.66 -0.68
CA MET A 28 4.61 8.07 -0.96
C MET A 28 3.82 8.33 -2.24
N LYS A 29 2.50 8.37 -2.10
CA LYS A 29 1.59 8.58 -3.23
C LYS A 29 0.13 8.45 -2.82
N ASP A 30 -0.29 7.21 -2.51
CA ASP A 30 -1.69 6.96 -2.13
C ASP A 30 -1.84 5.97 -0.98
N CYS A 31 -1.87 4.66 -1.30
CA CYS A 31 -2.06 3.64 -0.27
C CYS A 31 -0.83 2.69 -0.19
N LEU A 32 -0.50 2.24 1.03
CA LEU A 32 0.69 1.38 1.30
C LEU A 32 0.41 -0.12 1.17
N CYS A 33 1.38 -0.84 0.65
CA CYS A 33 1.26 -2.28 0.47
C CYS A 33 1.22 -3.01 1.81
N CYS A 34 0.01 -3.20 2.33
CA CYS A 34 -0.19 -3.90 3.60
C CYS A 34 0.25 -5.36 3.49
N GLY A 1 6.42 5.81 -4.48
CA GLY A 1 5.68 5.06 -3.43
C GLY A 1 5.15 3.73 -3.95
N CYS A 2 3.91 3.40 -3.58
CA CYS A 2 3.30 2.16 -4.02
C CYS A 2 1.90 2.39 -4.59
N LYS A 3 1.26 1.30 -5.02
CA LYS A 3 -0.08 1.35 -5.60
C LYS A 3 -1.10 2.03 -4.68
N PRO A 4 -2.18 2.60 -5.27
CA PRO A 4 -3.24 3.27 -4.53
C PRO A 4 -4.34 2.31 -4.06
N LYS A 5 -5.27 2.82 -3.26
CA LYS A 5 -6.38 2.03 -2.75
C LYS A 5 -7.11 1.26 -3.84
N GLY A 6 -8.06 0.41 -3.45
CA GLY A 6 -8.83 -0.37 -4.42
C GLY A 6 -8.63 -1.86 -4.31
N ALA A 7 -7.71 -2.30 -3.45
CA ALA A 7 -7.44 -3.72 -3.27
C ALA A 7 -7.91 -4.20 -1.90
N PRO A 8 -8.25 -5.50 -1.77
CA PRO A 8 -8.69 -6.06 -0.49
C PRO A 8 -7.52 -6.35 0.44
N CYS A 9 -7.57 -5.75 1.63
CA CYS A 9 -6.51 -5.92 2.63
C CYS A 9 -6.75 -4.98 3.81
N SER A 10 -6.26 -5.40 4.98
CA SER A 10 -6.40 -4.60 6.19
C SER A 10 -5.12 -3.81 6.44
N PRO A 11 -5.19 -2.46 6.40
CA PRO A 11 -4.01 -1.61 6.63
C PRO A 11 -3.36 -1.87 7.98
N LEU A 12 -2.04 -2.05 7.96
CA LEU A 12 -1.26 -2.28 9.17
C LEU A 12 -0.46 -1.03 9.51
N MET A 13 -1.13 -0.04 10.11
CA MET A 13 -0.50 1.22 10.48
C MET A 13 -0.23 2.07 9.23
N TYR A 14 -0.20 1.42 8.08
CA TYR A 14 0.06 2.11 6.81
C TYR A 14 -1.08 1.85 5.82
N PRO A 15 -1.39 2.83 4.96
CA PRO A 15 -2.46 2.73 3.95
C PRO A 15 -2.43 1.42 3.12
N CYS A 16 -3.50 1.24 2.35
CA CYS A 16 -3.80 0.05 1.51
C CYS A 16 -3.38 0.07 0.01
N CYS A 17 -2.21 -0.43 -0.36
CA CYS A 17 -1.85 -0.40 -1.79
C CYS A 17 -2.62 -1.47 -2.56
N THR A 18 -2.76 -1.27 -3.88
CA THR A 18 -3.48 -2.23 -4.72
C THR A 18 -2.51 -3.01 -5.60
N GLY A 19 -1.40 -3.42 -5.01
CA GLY A 19 -0.39 -4.17 -5.73
C GLY A 19 0.94 -4.13 -5.01
N PRO A 20 1.35 -5.24 -4.36
CA PRO A 20 2.61 -5.27 -3.60
C PRO A 20 3.78 -4.68 -4.38
N CYS A 21 4.49 -3.75 -3.75
CA CYS A 21 5.64 -3.10 -4.36
C CYS A 21 6.93 -3.83 -4.00
N PRO A 22 8.07 -3.43 -4.58
CA PRO A 22 9.37 -4.05 -4.28
C PRO A 22 9.70 -3.96 -2.79
N GLY A 23 9.51 -2.77 -2.22
CA GLY A 23 9.76 -2.56 -0.81
C GLY A 23 8.78 -3.31 0.06
N ALA A 24 8.61 -2.86 1.30
CA ALA A 24 7.69 -3.52 2.22
C ALA A 24 7.27 -2.59 3.36
N GLY A 25 6.47 -1.58 3.05
CA GLY A 25 6.01 -0.66 4.08
C GLY A 25 6.30 0.79 3.78
N TRP A 26 6.85 1.08 2.60
CA TRP A 26 7.16 2.46 2.24
C TRP A 26 6.11 3.01 1.27
N LEU A 27 5.47 4.11 1.64
CA LEU A 27 4.43 4.70 0.79
C LEU A 27 4.72 6.15 0.41
N MET A 28 4.53 6.43 -0.87
CA MET A 28 4.69 7.77 -1.42
C MET A 28 3.86 7.88 -2.69
N LYS A 29 2.55 8.10 -2.52
CA LYS A 29 1.62 8.21 -3.64
C LYS A 29 0.17 8.27 -3.16
N ASP A 30 -0.34 7.13 -2.66
CA ASP A 30 -1.72 7.07 -2.19
C ASP A 30 -1.88 6.09 -1.00
N CYS A 31 -1.89 4.79 -1.30
CA CYS A 31 -2.06 3.78 -0.25
C CYS A 31 -0.81 2.87 -0.16
N LEU A 32 -0.51 2.37 1.05
CA LEU A 32 0.69 1.54 1.32
C LEU A 32 0.43 0.04 1.17
N CYS A 33 1.41 -0.68 0.66
CA CYS A 33 1.26 -2.12 0.48
C CYS A 33 1.23 -2.86 1.81
N CYS A 34 0.02 -3.03 2.35
CA CYS A 34 -0.17 -3.73 3.61
C CYS A 34 0.21 -5.20 3.50
N GLY A 1 7.04 5.31 -4.09
CA GLY A 1 5.83 4.84 -3.35
C GLY A 1 5.23 3.59 -3.95
N CYS A 2 3.97 3.33 -3.63
CA CYS A 2 3.30 2.14 -4.14
C CYS A 2 1.92 2.48 -4.72
N LYS A 3 1.25 1.47 -5.28
CA LYS A 3 -0.06 1.66 -5.89
C LYS A 3 -1.10 2.22 -4.90
N PRO A 4 -2.21 2.77 -5.43
CA PRO A 4 -3.29 3.35 -4.62
C PRO A 4 -4.33 2.32 -4.18
N LYS A 5 -5.25 2.76 -3.31
CA LYS A 5 -6.32 1.92 -2.79
C LYS A 5 -7.09 1.19 -3.90
N GLY A 6 -8.04 0.35 -3.48
CA GLY A 6 -8.84 -0.41 -4.43
C GLY A 6 -8.69 -1.91 -4.32
N ALA A 7 -7.76 -2.37 -3.48
CA ALA A 7 -7.55 -3.80 -3.28
C ALA A 7 -7.98 -4.24 -1.89
N PRO A 8 -8.40 -5.52 -1.73
CA PRO A 8 -8.83 -6.04 -0.44
C PRO A 8 -7.65 -6.36 0.46
N CYS A 9 -7.64 -5.76 1.65
CA CYS A 9 -6.56 -5.95 2.63
C CYS A 9 -6.74 -5.03 3.81
N SER A 10 -6.22 -5.43 4.96
CA SER A 10 -6.32 -4.63 6.18
C SER A 10 -5.03 -3.83 6.40
N PRO A 11 -5.10 -2.50 6.36
CA PRO A 11 -3.92 -1.64 6.56
C PRO A 11 -3.28 -1.86 7.92
N LEU A 12 -1.96 -2.05 7.93
CA LEU A 12 -1.21 -2.26 9.16
C LEU A 12 -0.42 -1.01 9.50
N MET A 13 -1.09 -0.03 10.11
CA MET A 13 -0.46 1.23 10.49
C MET A 13 -0.18 2.10 9.26
N TYR A 14 -0.17 1.46 8.09
CA TYR A 14 0.08 2.16 6.83
C TYR A 14 -1.05 1.88 5.83
N PRO A 15 -1.38 2.87 4.98
CA PRO A 15 -2.45 2.75 3.98
C PRO A 15 -2.41 1.44 3.16
N CYS A 16 -3.49 1.25 2.41
CA CYS A 16 -3.80 0.06 1.58
C CYS A 16 -3.39 0.06 0.07
N CYS A 17 -2.23 -0.44 -0.31
CA CYS A 17 -1.89 -0.43 -1.75
C CYS A 17 -2.67 -1.51 -2.48
N THR A 18 -2.81 -1.36 -3.79
CA THR A 18 -3.56 -2.34 -4.59
C THR A 18 -2.64 -3.30 -5.32
N GLY A 19 -1.34 -3.00 -5.30
CA GLY A 19 -0.37 -3.87 -5.94
C GLY A 19 0.94 -3.89 -5.17
N PRO A 20 1.31 -5.05 -4.59
CA PRO A 20 2.55 -5.15 -3.80
C PRO A 20 3.75 -4.54 -4.53
N CYS A 21 4.44 -3.64 -3.83
CA CYS A 21 5.62 -2.98 -4.38
C CYS A 21 6.90 -3.73 -4.00
N PRO A 22 8.06 -3.30 -4.55
CA PRO A 22 9.35 -3.94 -4.24
C PRO A 22 9.64 -3.86 -2.74
N GLY A 23 9.44 -2.67 -2.16
CA GLY A 23 9.67 -2.49 -0.75
C GLY A 23 8.62 -3.19 0.10
N ALA A 24 8.51 -2.80 1.36
CA ALA A 24 7.54 -3.41 2.26
C ALA A 24 7.21 -2.49 3.43
N GLY A 25 6.33 -1.53 3.20
CA GLY A 25 5.94 -0.61 4.26
C GLY A 25 6.26 0.83 3.95
N TRP A 26 6.80 1.10 2.76
CA TRP A 26 7.12 2.47 2.37
C TRP A 26 6.08 2.99 1.40
N LEU A 27 5.46 4.12 1.73
CA LEU A 27 4.43 4.68 0.87
C LEU A 27 4.73 6.11 0.44
N MET A 28 4.57 6.35 -0.87
CA MET A 28 4.75 7.66 -1.46
C MET A 28 3.93 7.74 -2.73
N LYS A 29 2.62 7.98 -2.56
CA LYS A 29 1.69 8.08 -3.69
C LYS A 29 0.25 8.15 -3.20
N ASP A 30 -0.27 7.04 -2.68
CA ASP A 30 -1.65 6.99 -2.20
C ASP A 30 -1.82 6.02 -1.02
N CYS A 31 -1.87 4.72 -1.30
CA CYS A 31 -2.06 3.72 -0.25
C CYS A 31 -0.85 2.75 -0.17
N LEU A 32 -0.42 2.42 1.07
CA LEU A 32 0.76 1.55 1.33
C LEU A 32 0.46 0.06 1.16
N CYS A 33 1.43 -0.68 0.63
CA CYS A 33 1.25 -2.11 0.43
C CYS A 33 1.22 -2.87 1.75
N CYS A 34 0.01 -3.05 2.28
CA CYS A 34 -0.18 -3.76 3.54
C CYS A 34 0.27 -5.21 3.41
N GLY A 1 6.96 5.12 -3.04
CA GLY A 1 5.61 5.21 -3.67
C GLY A 1 5.11 3.88 -4.17
N CYS A 2 3.90 3.51 -3.78
CA CYS A 2 3.33 2.23 -4.19
C CYS A 2 1.93 2.42 -4.79
N LYS A 3 1.36 1.31 -5.25
CA LYS A 3 0.03 1.32 -5.86
C LYS A 3 -1.00 2.08 -5.03
N PRO A 4 -2.06 2.61 -5.68
CA PRO A 4 -3.12 3.36 -5.02
C PRO A 4 -4.14 2.45 -4.32
N LYS A 5 -5.05 3.06 -3.55
CA LYS A 5 -6.07 2.31 -2.84
C LYS A 5 -6.97 1.54 -3.80
N GLY A 6 -7.86 0.72 -3.23
CA GLY A 6 -8.78 -0.07 -4.03
C GLY A 6 -8.55 -1.57 -3.90
N ALA A 7 -7.59 -1.95 -3.05
CA ALA A 7 -7.29 -3.37 -2.83
C ALA A 7 -7.72 -3.82 -1.43
N PRO A 8 -8.13 -5.09 -1.29
CA PRO A 8 -8.55 -5.61 0.01
C PRO A 8 -7.36 -6.02 0.87
N CYS A 9 -7.28 -5.43 2.07
CA CYS A 9 -6.21 -5.71 3.01
C CYS A 9 -6.29 -4.76 4.20
N SER A 10 -6.42 -5.31 5.40
CA SER A 10 -6.50 -4.49 6.60
C SER A 10 -5.21 -3.70 6.79
N PRO A 11 -5.26 -2.36 6.71
CA PRO A 11 -4.08 -1.52 6.86
C PRO A 11 -3.31 -1.82 8.15
N LEU A 12 -2.00 -2.00 8.00
CA LEU A 12 -1.13 -2.27 9.12
C LEU A 12 -0.34 -1.01 9.46
N MET A 13 -1.03 -0.04 10.05
CA MET A 13 -0.43 1.24 10.41
C MET A 13 -0.18 2.08 9.15
N TYR A 14 -0.24 1.42 7.99
CA TYR A 14 -0.02 2.09 6.71
C TYR A 14 -1.16 1.77 5.73
N PRO A 15 -1.50 2.75 4.86
CA PRO A 15 -2.58 2.59 3.86
C PRO A 15 -2.51 1.29 3.03
N CYS A 16 -3.57 1.08 2.26
CA CYS A 16 -3.83 -0.11 1.40
C CYS A 16 -3.40 -0.07 -0.11
N CYS A 17 -2.22 -0.54 -0.49
CA CYS A 17 -1.85 -0.48 -1.92
C CYS A 17 -2.58 -1.55 -2.71
N THR A 18 -2.70 -1.34 -4.03
CA THR A 18 -3.37 -2.30 -4.91
C THR A 18 -2.36 -3.02 -5.81
N GLY A 19 -1.25 -3.42 -5.20
CA GLY A 19 -0.20 -4.11 -5.93
C GLY A 19 1.11 -4.06 -5.16
N PRO A 20 1.50 -5.17 -4.49
CA PRO A 20 2.73 -5.18 -3.69
C PRO A 20 3.92 -4.61 -4.44
N CYS A 21 4.61 -3.67 -3.79
CA CYS A 21 5.78 -3.02 -4.37
C CYS A 21 7.07 -3.75 -3.96
N PRO A 22 8.24 -3.34 -4.50
CA PRO A 22 9.52 -3.97 -4.15
C PRO A 22 9.79 -3.89 -2.65
N GLY A 23 9.58 -2.72 -2.06
CA GLY A 23 9.80 -2.53 -0.64
C GLY A 23 8.81 -3.33 0.20
N ALA A 24 8.61 -2.90 1.45
CA ALA A 24 7.69 -3.59 2.33
C ALA A 24 7.18 -2.68 3.44
N GLY A 25 6.33 -1.71 3.08
CA GLY A 25 5.77 -0.82 4.09
C GLY A 25 6.06 0.65 3.84
N TRP A 26 6.64 0.98 2.69
CA TRP A 26 6.94 2.38 2.39
C TRP A 26 5.94 2.93 1.37
N LEU A 27 5.27 4.02 1.72
CA LEU A 27 4.27 4.60 0.83
C LEU A 27 4.55 6.06 0.49
N MET A 28 4.37 6.37 -0.78
CA MET A 28 4.52 7.72 -1.29
C MET A 28 3.72 7.87 -2.57
N LYS A 29 2.40 8.07 -2.42
CA LYS A 29 1.50 8.21 -3.55
C LYS A 29 0.04 8.22 -3.10
N ASP A 30 -0.47 7.06 -2.67
CA ASP A 30 -1.86 6.96 -2.23
C ASP A 30 -2.04 5.96 -1.07
N CYS A 31 -1.99 4.67 -1.38
CA CYS A 31 -2.18 3.64 -0.34
C CYS A 31 -0.94 2.70 -0.26
N LEU A 32 -0.59 2.28 0.97
CA LEU A 32 0.59 1.43 1.23
C LEU A 32 0.33 -0.06 1.08
N CYS A 33 1.31 -0.78 0.56
CA CYS A 33 1.18 -2.21 0.35
C CYS A 33 1.11 -2.97 1.67
N CYS A 34 -0.12 -3.31 2.07
CA CYS A 34 -0.36 -4.05 3.31
C CYS A 34 0.61 -5.21 3.47
N GLY A 1 6.35 7.06 -4.14
CA GLY A 1 5.29 6.20 -3.53
C GLY A 1 5.11 4.89 -4.28
N CYS A 2 3.92 4.30 -4.15
CA CYS A 2 3.64 3.05 -4.81
C CYS A 2 2.17 2.94 -5.21
N LYS A 3 1.76 1.74 -5.62
CA LYS A 3 0.38 1.47 -6.05
C LYS A 3 -0.65 2.16 -5.16
N PRO A 4 -1.78 2.60 -5.76
CA PRO A 4 -2.86 3.28 -5.04
C PRO A 4 -3.88 2.31 -4.44
N LYS A 5 -4.79 2.86 -3.65
CA LYS A 5 -5.85 2.08 -2.99
C LYS A 5 -6.62 1.21 -3.99
N GLY A 6 -7.55 0.41 -3.47
CA GLY A 6 -8.36 -0.46 -4.30
C GLY A 6 -8.17 -1.94 -3.99
N ALA A 7 -7.32 -2.25 -3.01
CA ALA A 7 -7.09 -3.64 -2.62
C ALA A 7 -7.69 -3.91 -1.23
N PRO A 8 -8.41 -5.03 -1.06
CA PRO A 8 -9.01 -5.36 0.24
C PRO A 8 -8.00 -5.94 1.22
N CYS A 9 -7.87 -5.28 2.37
CA CYS A 9 -6.94 -5.71 3.43
C CYS A 9 -6.88 -4.64 4.51
N SER A 10 -7.00 -5.06 5.76
CA SER A 10 -6.94 -4.12 6.88
C SER A 10 -5.55 -3.48 6.97
N PRO A 11 -5.45 -2.16 6.75
CA PRO A 11 -4.16 -1.46 6.81
C PRO A 11 -3.42 -1.69 8.12
N LEU A 12 -2.14 -2.04 8.02
CA LEU A 12 -1.32 -2.26 9.20
C LEU A 12 -0.47 -1.02 9.47
N MET A 13 -1.12 0.00 10.04
CA MET A 13 -0.46 1.27 10.34
C MET A 13 -0.22 2.09 9.07
N TYR A 14 -0.15 1.40 7.93
CA TYR A 14 0.07 2.06 6.65
C TYR A 14 -1.06 1.74 5.66
N PRO A 15 -1.39 2.70 4.79
CA PRO A 15 -2.45 2.55 3.77
C PRO A 15 -2.39 1.23 2.99
N CYS A 16 -3.44 1.02 2.18
CA CYS A 16 -3.69 -0.20 1.36
C CYS A 16 -3.22 -0.22 -0.13
N CYS A 17 -2.02 -0.72 -0.46
CA CYS A 17 -1.61 -0.73 -1.87
C CYS A 17 -2.46 -1.72 -2.66
N THR A 18 -2.67 -1.44 -3.96
CA THR A 18 -3.46 -2.32 -4.81
C THR A 18 -2.58 -3.37 -5.49
N GLY A 19 -1.28 -3.12 -5.49
CA GLY A 19 -0.34 -4.03 -6.10
C GLY A 19 0.92 -4.18 -5.27
N PRO A 20 1.32 -5.40 -4.90
CA PRO A 20 2.53 -5.61 -4.09
C PRO A 20 3.74 -4.87 -4.63
N CYS A 21 4.38 -4.11 -3.75
CA CYS A 21 5.57 -3.33 -4.10
C CYS A 21 6.84 -4.13 -3.81
N PRO A 22 7.99 -3.69 -4.36
CA PRO A 22 9.28 -4.36 -4.12
C PRO A 22 9.82 -4.06 -2.73
N GLY A 23 9.11 -3.19 -2.00
CA GLY A 23 9.52 -2.81 -0.66
C GLY A 23 8.47 -3.19 0.37
N ALA A 24 7.20 -3.11 -0.04
CA ALA A 24 6.08 -3.44 0.83
C ALA A 24 6.21 -2.81 2.22
N GLY A 25 5.92 -1.51 2.32
CA GLY A 25 6.01 -0.85 3.59
C GLY A 25 6.27 0.65 3.48
N TRP A 26 6.84 1.08 2.35
CA TRP A 26 7.13 2.50 2.16
C TRP A 26 6.13 3.13 1.18
N LEU A 27 5.34 4.08 1.66
CA LEU A 27 4.36 4.73 0.80
C LEU A 27 4.51 6.24 0.76
N MET A 28 4.32 6.79 -0.44
CA MET A 28 4.36 8.23 -0.65
C MET A 28 3.56 8.57 -1.91
N LYS A 29 2.23 8.59 -1.79
CA LYS A 29 1.35 8.89 -2.92
C LYS A 29 -0.11 8.58 -2.58
N ASP A 30 -0.47 7.28 -2.53
CA ASP A 30 -1.85 6.90 -2.26
C ASP A 30 -1.98 5.86 -1.14
N CYS A 31 -1.85 4.56 -1.46
CA CYS A 31 -2.01 3.51 -0.44
C CYS A 31 -0.75 2.60 -0.34
N LEU A 32 -0.47 2.10 0.88
CA LEU A 32 0.73 1.28 1.18
C LEU A 32 0.46 -0.22 1.14
N CYS A 33 1.43 -1.00 0.67
CA CYS A 33 1.26 -2.45 0.61
C CYS A 33 1.13 -3.07 2.00
N CYS A 34 -0.10 -3.35 2.39
CA CYS A 34 -0.39 -3.95 3.69
C CYS A 34 0.35 -5.27 3.85
N GLY A 1 6.59 5.31 -2.60
CA GLY A 1 5.42 5.52 -3.50
C GLY A 1 4.99 4.26 -4.20
N CYS A 2 3.74 3.86 -4.01
CA CYS A 2 3.22 2.65 -4.63
C CYS A 2 1.81 2.85 -5.17
N LYS A 3 1.18 1.76 -5.58
CA LYS A 3 -0.17 1.79 -6.14
C LYS A 3 -1.18 2.39 -5.14
N PRO A 4 -2.31 2.90 -5.67
CA PRO A 4 -3.37 3.51 -4.84
C PRO A 4 -4.36 2.48 -4.31
N LYS A 5 -5.25 2.92 -3.43
CA LYS A 5 -6.27 2.06 -2.83
C LYS A 5 -7.04 1.26 -3.89
N GLY A 6 -7.91 0.36 -3.42
CA GLY A 6 -8.70 -0.46 -4.33
C GLY A 6 -8.41 -1.95 -4.24
N ALA A 7 -7.49 -2.33 -3.36
CA ALA A 7 -7.15 -3.74 -3.19
C ALA A 7 -7.63 -4.26 -1.83
N PRO A 8 -8.05 -5.53 -1.76
CA PRO A 8 -8.54 -6.12 -0.50
C PRO A 8 -7.41 -6.40 0.48
N CYS A 9 -7.52 -5.82 1.68
CA CYS A 9 -6.51 -5.97 2.73
C CYS A 9 -6.76 -4.99 3.86
N SER A 10 -6.34 -5.36 5.07
CA SER A 10 -6.51 -4.50 6.22
C SER A 10 -5.23 -3.70 6.48
N PRO A 11 -5.29 -2.36 6.36
CA PRO A 11 -4.11 -1.51 6.56
C PRO A 11 -3.45 -1.74 7.93
N LEU A 12 -2.14 -1.94 7.91
CA LEU A 12 -1.38 -2.15 9.13
C LEU A 12 -0.56 -0.91 9.46
N MET A 13 -1.24 0.10 10.02
CA MET A 13 -0.60 1.37 10.38
C MET A 13 -0.33 2.20 9.13
N TYR A 14 -0.17 1.53 8.00
CA TYR A 14 0.07 2.20 6.72
C TYR A 14 -1.05 1.89 5.73
N PRO A 15 -1.38 2.85 4.85
CA PRO A 15 -2.42 2.71 3.82
C PRO A 15 -2.36 1.37 3.05
N CYS A 16 -3.40 1.14 2.25
CA CYS A 16 -3.65 -0.09 1.44
C CYS A 16 -3.18 -0.13 -0.04
N CYS A 17 -1.98 -0.64 -0.36
CA CYS A 17 -1.56 -0.68 -1.76
C CYS A 17 -2.56 -1.45 -2.62
N THR A 18 -2.50 -1.25 -3.94
CA THR A 18 -3.39 -1.93 -4.87
C THR A 18 -2.75 -3.23 -5.34
N GLY A 19 -1.43 -3.24 -5.36
CA GLY A 19 -0.68 -4.41 -5.79
C GLY A 19 0.62 -4.54 -5.01
N PRO A 20 1.13 -5.76 -4.81
CA PRO A 20 2.37 -5.97 -4.06
C PRO A 20 3.49 -5.05 -4.53
N CYS A 21 4.11 -4.37 -3.57
CA CYS A 21 5.20 -3.44 -3.86
C CYS A 21 6.55 -4.14 -3.78
N PRO A 22 7.60 -3.54 -4.38
CA PRO A 22 8.96 -4.10 -4.34
C PRO A 22 9.68 -3.77 -3.04
N GLY A 23 9.07 -2.91 -2.23
CA GLY A 23 9.66 -2.51 -0.97
C GLY A 23 9.06 -3.26 0.21
N ALA A 24 8.95 -2.58 1.35
CA ALA A 24 8.39 -3.20 2.55
C ALA A 24 7.82 -2.16 3.51
N GLY A 25 6.63 -1.65 3.18
CA GLY A 25 5.98 -0.67 4.04
C GLY A 25 6.36 0.76 3.73
N TRP A 26 6.87 1.01 2.53
CA TRP A 26 7.26 2.36 2.13
C TRP A 26 6.22 2.96 1.18
N LEU A 27 5.55 4.01 1.65
CA LEU A 27 4.52 4.65 0.83
C LEU A 27 4.77 6.14 0.61
N MET A 28 4.54 6.57 -0.61
CA MET A 28 4.67 7.97 -0.98
C MET A 28 3.83 8.22 -2.23
N LYS A 29 2.51 8.36 -2.05
CA LYS A 29 1.59 8.60 -3.16
C LYS A 29 0.13 8.47 -2.71
N ASP A 30 -0.33 7.23 -2.50
CA ASP A 30 -1.71 7.00 -2.08
C ASP A 30 -1.84 5.95 -0.97
N CYS A 31 -1.87 4.67 -1.34
CA CYS A 31 -2.03 3.60 -0.35
C CYS A 31 -0.76 2.69 -0.26
N LEU A 32 -0.46 2.20 0.96
CA LEU A 32 0.74 1.37 1.26
C LEU A 32 0.46 -0.13 1.24
N CYS A 33 1.42 -0.91 0.78
CA CYS A 33 1.26 -2.37 0.71
C CYS A 33 1.26 -2.99 2.10
N CYS A 34 0.05 -3.23 2.63
CA CYS A 34 -0.12 -3.83 3.94
C CYS A 34 0.42 -5.26 3.96
N GLY A 1 7.25 5.71 -3.65
CA GLY A 1 5.77 5.59 -3.70
C GLY A 1 5.32 4.22 -4.17
N CYS A 2 4.13 3.80 -3.73
CA CYS A 2 3.60 2.50 -4.11
C CYS A 2 2.21 2.65 -4.72
N LYS A 3 1.69 1.54 -5.26
CA LYS A 3 0.38 1.51 -5.89
C LYS A 3 -0.69 2.18 -5.02
N PRO A 4 -1.79 2.65 -5.65
CA PRO A 4 -2.89 3.31 -4.95
C PRO A 4 -3.91 2.34 -4.38
N LYS A 5 -4.86 2.88 -3.62
CA LYS A 5 -5.91 2.09 -2.98
C LYS A 5 -6.63 1.18 -3.98
N GLY A 6 -7.55 0.36 -3.46
CA GLY A 6 -8.30 -0.55 -4.31
C GLY A 6 -8.07 -2.02 -3.98
N ALA A 7 -7.27 -2.30 -2.97
CA ALA A 7 -7.00 -3.67 -2.55
C ALA A 7 -7.63 -3.94 -1.19
N PRO A 8 -8.27 -5.12 -1.01
CA PRO A 8 -8.91 -5.47 0.26
C PRO A 8 -7.91 -6.03 1.26
N CYS A 9 -7.82 -5.38 2.41
CA CYS A 9 -6.90 -5.78 3.49
C CYS A 9 -6.87 -4.69 4.56
N SER A 10 -7.00 -5.09 5.82
CA SER A 10 -6.97 -4.13 6.92
C SER A 10 -5.57 -3.49 7.02
N PRO A 11 -5.48 -2.16 6.79
CA PRO A 11 -4.19 -1.45 6.85
C PRO A 11 -3.45 -1.67 8.16
N LEU A 12 -2.16 -2.01 8.05
CA LEU A 12 -1.32 -2.23 9.22
C LEU A 12 -0.53 -0.96 9.51
N MET A 13 -1.23 0.04 10.04
CA MET A 13 -0.62 1.33 10.37
C MET A 13 -0.36 2.14 9.11
N TYR A 14 -0.31 1.46 7.97
CA TYR A 14 -0.07 2.11 6.69
C TYR A 14 -1.18 1.78 5.69
N PRO A 15 -1.52 2.74 4.81
CA PRO A 15 -2.57 2.58 3.79
C PRO A 15 -2.49 1.26 3.00
N CYS A 16 -3.54 1.04 2.19
CA CYS A 16 -3.78 -0.17 1.37
C CYS A 16 -3.29 -0.18 -0.12
N CYS A 17 -2.10 -0.68 -0.43
CA CYS A 17 -1.68 -0.67 -1.85
C CYS A 17 -2.49 -1.68 -2.66
N THR A 18 -2.79 -1.34 -3.92
CA THR A 18 -3.57 -2.21 -4.79
C THR A 18 -2.67 -3.22 -5.50
N GLY A 19 -1.37 -2.94 -5.50
CA GLY A 19 -0.41 -3.81 -6.15
C GLY A 19 0.88 -3.87 -5.37
N PRO A 20 1.42 -5.07 -5.08
CA PRO A 20 2.66 -5.18 -4.30
C PRO A 20 3.83 -4.48 -4.98
N CYS A 21 4.49 -3.61 -4.22
CA CYS A 21 5.65 -2.87 -4.71
C CYS A 21 6.94 -3.61 -4.36
N PRO A 22 8.11 -3.16 -4.88
CA PRO A 22 9.40 -3.80 -4.56
C PRO A 22 9.69 -3.78 -3.07
N GLY A 23 9.40 -2.65 -2.42
CA GLY A 23 9.63 -2.52 -0.99
C GLY A 23 8.66 -3.34 -0.16
N ALA A 24 8.47 -2.96 1.10
CA ALA A 24 7.56 -3.68 1.97
C ALA A 24 7.11 -2.83 3.16
N GLY A 25 6.42 -1.72 2.87
CA GLY A 25 5.92 -0.87 3.94
C GLY A 25 6.19 0.61 3.74
N TRP A 26 6.75 0.99 2.59
CA TRP A 26 7.03 2.39 2.32
C TRP A 26 6.01 2.97 1.34
N LEU A 27 5.33 4.03 1.75
CA LEU A 27 4.32 4.64 0.89
C LEU A 27 4.56 6.11 0.62
N MET A 28 4.39 6.49 -0.64
CA MET A 28 4.53 7.87 -1.05
C MET A 28 3.73 8.07 -2.33
N LYS A 29 2.41 8.22 -2.19
CA LYS A 29 1.51 8.40 -3.34
C LYS A 29 0.05 8.32 -2.91
N ASP A 30 -0.43 7.11 -2.62
CA ASP A 30 -1.81 6.91 -2.22
C ASP A 30 -1.98 5.89 -1.10
N CYS A 31 -1.91 4.59 -1.42
CA CYS A 31 -2.09 3.54 -0.41
C CYS A 31 -0.83 2.64 -0.29
N LEU A 32 -0.55 2.15 0.94
CA LEU A 32 0.65 1.32 1.23
C LEU A 32 0.38 -0.19 1.18
N CYS A 33 1.38 -0.94 0.72
CA CYS A 33 1.23 -2.40 0.62
C CYS A 33 1.12 -3.03 2.01
N CYS A 34 -0.11 -3.31 2.42
CA CYS A 34 -0.38 -3.93 3.71
C CYS A 34 0.39 -5.24 3.85
N GLY A 1 6.99 5.58 -2.94
CA GLY A 1 5.70 5.62 -3.69
C GLY A 1 5.28 4.24 -4.19
N CYS A 2 4.08 3.82 -3.82
CA CYS A 2 3.58 2.52 -4.24
C CYS A 2 2.15 2.63 -4.77
N LYS A 3 1.63 1.53 -5.32
CA LYS A 3 0.29 1.47 -5.88
C LYS A 3 -0.76 2.14 -4.98
N PRO A 4 -1.87 2.61 -5.58
CA PRO A 4 -2.95 3.27 -4.86
C PRO A 4 -4.00 2.29 -4.32
N LYS A 5 -4.93 2.81 -3.53
CA LYS A 5 -6.01 2.00 -2.94
C LYS A 5 -6.74 1.15 -3.97
N GLY A 6 -7.67 0.32 -3.50
CA GLY A 6 -8.43 -0.55 -4.38
C GLY A 6 -8.23 -2.03 -4.09
N ALA A 7 -7.40 -2.35 -3.09
CA ALA A 7 -7.16 -3.74 -2.72
C ALA A 7 -7.76 -4.05 -1.36
N PRO A 8 -8.41 -5.22 -1.20
CA PRO A 8 -9.02 -5.60 0.08
C PRO A 8 -7.99 -6.10 1.07
N CYS A 9 -7.93 -5.45 2.23
CA CYS A 9 -6.99 -5.81 3.29
C CYS A 9 -7.00 -4.74 4.39
N SER A 10 -6.84 -5.18 5.64
CA SER A 10 -6.83 -4.24 6.75
C SER A 10 -5.47 -3.56 6.87
N PRO A 11 -5.40 -2.22 6.68
CA PRO A 11 -4.14 -1.48 6.77
C PRO A 11 -3.38 -1.77 8.06
N LEU A 12 -2.09 -2.07 7.91
CA LEU A 12 -1.24 -2.35 9.06
C LEU A 12 -0.44 -1.11 9.42
N MET A 13 -1.13 -0.13 10.02
CA MET A 13 -0.51 1.14 10.41
C MET A 13 -0.22 2.00 9.19
N TYR A 14 -0.21 1.36 8.02
CA TYR A 14 0.04 2.05 6.76
C TYR A 14 -1.08 1.80 5.76
N PRO A 15 -1.39 2.78 4.91
CA PRO A 15 -2.46 2.68 3.90
C PRO A 15 -2.42 1.36 3.08
N CYS A 16 -3.49 1.18 2.29
CA CYS A 16 -3.78 -0.03 1.46
C CYS A 16 -3.33 -0.04 -0.03
N CYS A 17 -2.15 -0.57 -0.37
CA CYS A 17 -1.76 -0.57 -1.79
C CYS A 17 -2.57 -1.60 -2.58
N THR A 18 -2.71 -1.40 -3.89
CA THR A 18 -3.46 -2.32 -4.73
C THR A 18 -2.53 -3.30 -5.45
N GLY A 19 -1.24 -2.98 -5.44
CA GLY A 19 -0.25 -3.84 -6.08
C GLY A 19 1.02 -3.90 -5.26
N PRO A 20 1.47 -5.10 -4.85
CA PRO A 20 2.69 -5.23 -4.03
C PRO A 20 3.92 -4.63 -4.69
N CYS A 21 4.61 -3.77 -3.95
CA CYS A 21 5.83 -3.12 -4.43
C CYS A 21 7.05 -3.93 -3.98
N PRO A 22 8.26 -3.60 -4.51
CA PRO A 22 9.50 -4.29 -4.14
C PRO A 22 9.92 -3.99 -2.70
N GLY A 23 9.21 -3.08 -2.04
CA GLY A 23 9.54 -2.72 -0.68
C GLY A 23 8.47 -3.12 0.32
N ALA A 24 7.21 -3.04 -0.11
CA ALA A 24 6.08 -3.37 0.73
C ALA A 24 6.21 -2.79 2.14
N GLY A 25 5.94 -1.49 2.27
CA GLY A 25 6.01 -0.84 3.57
C GLY A 25 6.25 0.65 3.49
N TRP A 26 6.83 1.11 2.38
CA TRP A 26 7.08 2.53 2.21
C TRP A 26 6.07 3.12 1.22
N LEU A 27 5.36 4.15 1.64
CA LEU A 27 4.34 4.76 0.78
C LEU A 27 4.57 6.24 0.53
N MET A 28 4.39 6.62 -0.72
CA MET A 28 4.51 8.01 -1.14
C MET A 28 3.70 8.20 -2.42
N LYS A 29 2.38 8.33 -2.26
CA LYS A 29 1.47 8.50 -3.39
C LYS A 29 0.00 8.40 -2.96
N ASP A 30 -0.43 7.20 -2.56
CA ASP A 30 -1.81 6.99 -2.15
C ASP A 30 -1.97 5.98 -1.02
N CYS A 31 -1.85 4.69 -1.33
CA CYS A 31 -2.03 3.64 -0.31
C CYS A 31 -0.80 2.70 -0.23
N LEU A 32 -0.45 2.27 1.00
CA LEU A 32 0.72 1.41 1.29
C LEU A 32 0.41 -0.08 1.19
N CYS A 33 1.38 -0.85 0.71
CA CYS A 33 1.19 -2.29 0.57
C CYS A 33 1.08 -2.98 1.93
N CYS A 34 -0.17 -3.23 2.34
CA CYS A 34 -0.44 -3.89 3.62
C CYS A 34 0.29 -5.22 3.72
N GLY A 1 7.52 5.38 -4.76
CA GLY A 1 6.08 5.32 -4.38
C GLY A 1 5.46 3.96 -4.64
N CYS A 2 4.34 3.69 -3.96
CA CYS A 2 3.66 2.41 -4.13
C CYS A 2 2.27 2.59 -4.72
N LYS A 3 1.71 1.50 -5.23
CA LYS A 3 0.39 1.51 -5.85
C LYS A 3 -0.66 2.16 -4.95
N PRO A 4 -1.74 2.69 -5.55
CA PRO A 4 -2.84 3.33 -4.83
C PRO A 4 -3.89 2.35 -4.32
N LYS A 5 -4.83 2.86 -3.54
CA LYS A 5 -5.91 2.06 -2.96
C LYS A 5 -6.59 1.16 -4.00
N GLY A 6 -7.52 0.33 -3.53
CA GLY A 6 -8.24 -0.58 -4.41
C GLY A 6 -8.02 -2.05 -4.09
N ALA A 7 -7.23 -2.34 -3.06
CA ALA A 7 -7.00 -3.72 -2.64
C ALA A 7 -7.66 -4.00 -1.30
N PRO A 8 -8.28 -5.19 -1.13
CA PRO A 8 -8.94 -5.54 0.13
C PRO A 8 -7.94 -6.06 1.16
N CYS A 9 -7.89 -5.39 2.31
CA CYS A 9 -6.99 -5.76 3.41
C CYS A 9 -7.02 -4.69 4.48
N SER A 10 -7.06 -5.11 5.74
CA SER A 10 -7.07 -4.17 6.85
C SER A 10 -5.70 -3.52 7.00
N PRO A 11 -5.61 -2.18 6.78
CA PRO A 11 -4.33 -1.46 6.89
C PRO A 11 -3.62 -1.72 8.21
N LEU A 12 -2.33 -2.07 8.11
CA LEU A 12 -1.52 -2.33 9.27
C LEU A 12 -0.70 -1.08 9.60
N MET A 13 -1.37 -0.07 10.15
CA MET A 13 -0.74 1.20 10.50
C MET A 13 -0.45 2.03 9.25
N TYR A 14 -0.38 1.34 8.10
CA TYR A 14 -0.12 2.01 6.82
C TYR A 14 -1.23 1.72 5.81
N PRO A 15 -1.53 2.70 4.94
CA PRO A 15 -2.57 2.57 3.89
C PRO A 15 -2.50 1.26 3.08
N CYS A 16 -3.54 1.07 2.26
CA CYS A 16 -3.79 -0.12 1.42
C CYS A 16 -3.29 -0.14 -0.06
N CYS A 17 -2.11 -0.65 -0.37
CA CYS A 17 -1.67 -0.67 -1.78
C CYS A 17 -2.50 -1.66 -2.59
N THR A 18 -2.79 -1.33 -3.85
CA THR A 18 -3.58 -2.20 -4.70
C THR A 18 -2.71 -3.24 -5.39
N GLY A 19 -1.40 -3.02 -5.36
CA GLY A 19 -0.47 -3.94 -5.98
C GLY A 19 0.85 -3.94 -5.25
N PRO A 20 1.44 -5.12 -4.95
CA PRO A 20 2.71 -5.17 -4.24
C PRO A 20 3.81 -4.40 -4.95
N CYS A 21 4.45 -3.51 -4.21
CA CYS A 21 5.54 -2.70 -4.74
C CYS A 21 6.90 -3.35 -4.48
N PRO A 22 8.00 -2.80 -5.04
CA PRO A 22 9.34 -3.34 -4.81
C PRO A 22 9.68 -3.40 -3.33
N GLY A 23 9.35 -2.34 -2.60
CA GLY A 23 9.62 -2.28 -1.17
C GLY A 23 8.63 -3.12 -0.38
N ALA A 24 8.48 -2.82 0.90
CA ALA A 24 7.57 -3.56 1.75
C ALA A 24 7.18 -2.78 3.01
N GLY A 25 6.54 -1.63 2.82
CA GLY A 25 6.12 -0.84 3.96
C GLY A 25 6.31 0.66 3.78
N TRP A 26 6.82 1.07 2.62
CA TRP A 26 7.03 2.49 2.35
C TRP A 26 5.96 3.02 1.40
N LEU A 27 5.37 4.16 1.74
CA LEU A 27 4.32 4.73 0.91
C LEU A 27 4.65 6.15 0.46
N MET A 28 4.50 6.36 -0.84
CA MET A 28 4.71 7.67 -1.44
C MET A 28 3.86 7.76 -2.70
N LYS A 29 2.56 8.02 -2.51
CA LYS A 29 1.60 8.14 -3.62
C LYS A 29 0.16 8.17 -3.10
N ASP A 30 -0.34 7.03 -2.64
CA ASP A 30 -1.72 6.95 -2.13
C ASP A 30 -1.90 5.94 -1.00
N CYS A 31 -1.81 4.64 -1.31
CA CYS A 31 -2.00 3.61 -0.30
C CYS A 31 -0.75 2.70 -0.17
N LEU A 32 -0.51 2.18 1.06
CA LEU A 32 0.68 1.35 1.38
C LEU A 32 0.40 -0.15 1.29
N CYS A 33 1.40 -0.90 0.84
CA CYS A 33 1.25 -2.35 0.71
C CYS A 33 1.11 -3.02 2.07
N CYS A 34 -0.14 -3.24 2.47
CA CYS A 34 -0.44 -3.88 3.76
C CYS A 34 0.29 -5.21 3.89
N GLY A 1 7.21 5.06 -4.91
CA GLY A 1 6.03 4.82 -4.03
C GLY A 1 5.25 3.58 -4.42
N CYS A 2 4.08 3.40 -3.83
CA CYS A 2 3.23 2.25 -4.13
C CYS A 2 1.94 2.68 -4.81
N LYS A 3 1.14 1.69 -5.20
CA LYS A 3 -0.12 1.96 -5.88
C LYS A 3 -1.20 2.45 -4.91
N PRO A 4 -2.25 3.13 -5.44
CA PRO A 4 -3.35 3.65 -4.62
C PRO A 4 -4.35 2.57 -4.20
N LYS A 5 -5.29 2.95 -3.35
CA LYS A 5 -6.32 2.05 -2.85
C LYS A 5 -7.00 1.26 -3.98
N GLY A 6 -7.89 0.35 -3.59
CA GLY A 6 -8.60 -0.47 -4.56
C GLY A 6 -8.30 -1.96 -4.43
N ALA A 7 -7.37 -2.31 -3.53
CA ALA A 7 -7.02 -3.70 -3.31
C ALA A 7 -7.53 -4.17 -1.94
N PRO A 8 -8.15 -5.35 -1.86
CA PRO A 8 -8.67 -5.87 -0.58
C PRO A 8 -7.56 -6.27 0.38
N CYS A 9 -7.58 -5.66 1.57
CA CYS A 9 -6.59 -5.92 2.60
C CYS A 9 -6.80 -5.00 3.79
N SER A 10 -6.40 -5.45 4.97
CA SER A 10 -6.54 -4.65 6.18
C SER A 10 -5.25 -3.87 6.44
N PRO A 11 -5.30 -2.53 6.41
CA PRO A 11 -4.11 -1.69 6.65
C PRO A 11 -3.55 -1.86 8.05
N LEU A 12 -2.24 -2.07 8.14
CA LEU A 12 -1.56 -2.21 9.41
C LEU A 12 -0.77 -0.94 9.73
N MET A 13 -1.47 0.05 10.28
CA MET A 13 -0.87 1.33 10.64
C MET A 13 -0.60 2.17 9.38
N TYR A 14 -0.40 1.50 8.24
CA TYR A 14 -0.15 2.18 6.98
C TYR A 14 -1.23 1.85 5.95
N PRO A 15 -1.55 2.82 5.07
CA PRO A 15 -2.58 2.65 4.02
C PRO A 15 -2.45 1.34 3.22
N CYS A 16 -3.47 1.11 2.39
CA CYS A 16 -3.67 -0.10 1.53
C CYS A 16 -3.15 -0.09 0.07
N CYS A 17 -1.94 -0.57 -0.22
CA CYS A 17 -1.48 -0.55 -1.62
C CYS A 17 -2.43 -1.36 -2.51
N THR A 18 -2.37 -1.10 -3.82
CA THR A 18 -3.22 -1.81 -4.78
C THR A 18 -2.58 -3.14 -5.19
N GLY A 19 -1.26 -3.17 -5.13
CA GLY A 19 -0.52 -4.37 -5.49
C GLY A 19 0.82 -4.40 -4.78
N PRO A 20 1.38 -5.59 -4.53
CA PRO A 20 2.66 -5.70 -3.83
C PRO A 20 3.76 -4.87 -4.50
N CYS A 21 4.43 -4.04 -3.71
CA CYS A 21 5.50 -3.19 -4.22
C CYS A 21 6.85 -3.89 -4.08
N PRO A 22 7.90 -3.39 -4.77
CA PRO A 22 9.24 -3.96 -4.67
C PRO A 22 9.87 -3.64 -3.32
N GLY A 23 9.20 -2.77 -2.56
CA GLY A 23 9.68 -2.39 -1.24
C GLY A 23 8.79 -2.89 -0.13
N ALA A 24 7.48 -2.91 -0.39
CA ALA A 24 6.50 -3.37 0.58
C ALA A 24 6.74 -2.79 1.98
N GLY A 25 6.25 -1.58 2.21
CA GLY A 25 6.41 -0.94 3.51
C GLY A 25 6.55 0.57 3.42
N TRP A 26 6.98 1.07 2.26
CA TRP A 26 7.12 2.51 2.07
C TRP A 26 5.99 3.05 1.21
N LEU A 27 5.43 4.19 1.60
CA LEU A 27 4.33 4.77 0.86
C LEU A 27 4.65 6.18 0.36
N MET A 28 4.55 6.37 -0.94
CA MET A 28 4.76 7.67 -1.56
C MET A 28 3.89 7.77 -2.81
N LYS A 29 2.60 8.05 -2.58
CA LYS A 29 1.62 8.18 -3.67
C LYS A 29 0.19 8.22 -3.12
N ASP A 30 -0.26 7.10 -2.53
CA ASP A 30 -1.62 7.04 -1.99
C ASP A 30 -1.78 6.03 -0.85
N CYS A 31 -1.82 4.73 -1.18
CA CYS A 31 -2.00 3.69 -0.17
C CYS A 31 -0.73 2.81 -0.02
N LEU A 32 -0.49 2.29 1.20
CA LEU A 32 0.72 1.49 1.53
C LEU A 32 0.47 -0.02 1.46
N CYS A 33 1.46 -0.76 1.01
CA CYS A 33 1.33 -2.21 0.91
C CYS A 33 1.26 -2.88 2.28
N CYS A 34 0.04 -3.22 2.69
CA CYS A 34 -0.20 -3.88 3.97
C CYS A 34 0.75 -5.06 4.17
N GLY A 1 6.44 6.01 -3.05
CA GLY A 1 5.17 6.12 -3.83
C GLY A 1 4.87 4.86 -4.61
N CYS A 2 3.70 4.28 -4.38
CA CYS A 2 3.30 3.06 -5.07
C CYS A 2 1.83 3.09 -5.47
N LYS A 3 1.33 1.94 -5.92
CA LYS A 3 -0.06 1.81 -6.36
C LYS A 3 -1.06 2.45 -5.39
N PRO A 4 -2.22 2.88 -5.93
CA PRO A 4 -3.28 3.52 -5.15
C PRO A 4 -4.26 2.53 -4.54
N LYS A 5 -5.17 3.05 -3.71
CA LYS A 5 -6.19 2.24 -3.03
C LYS A 5 -6.89 1.29 -4.00
N GLY A 6 -7.76 0.43 -3.46
CA GLY A 6 -8.50 -0.52 -4.27
C GLY A 6 -8.17 -1.97 -3.95
N ALA A 7 -7.36 -2.19 -2.92
CA ALA A 7 -7.00 -3.54 -2.51
C ALA A 7 -7.64 -3.89 -1.16
N PRO A 8 -8.37 -5.02 -1.05
CA PRO A 8 -9.00 -5.40 0.20
C PRO A 8 -7.99 -5.95 1.20
N CYS A 9 -7.93 -5.30 2.36
CA CYS A 9 -7.01 -5.67 3.44
C CYS A 9 -6.99 -4.60 4.51
N SER A 10 -7.07 -5.00 5.78
CA SER A 10 -7.06 -4.04 6.87
C SER A 10 -5.68 -3.39 6.97
N PRO A 11 -5.59 -2.07 6.74
CA PRO A 11 -4.32 -1.34 6.80
C PRO A 11 -3.55 -1.61 8.09
N LEU A 12 -2.28 -1.95 7.96
CA LEU A 12 -1.42 -2.21 9.10
C LEU A 12 -0.54 -1.01 9.38
N MET A 13 -1.14 0.02 9.98
CA MET A 13 -0.44 1.27 10.31
C MET A 13 -0.21 2.10 9.04
N TYR A 14 -0.14 1.42 7.90
CA TYR A 14 0.06 2.09 6.63
C TYR A 14 -1.06 1.76 5.64
N PRO A 15 -1.42 2.71 4.77
CA PRO A 15 -2.47 2.56 3.76
C PRO A 15 -2.41 1.23 2.96
N CYS A 16 -3.45 1.01 2.15
CA CYS A 16 -3.70 -0.20 1.33
C CYS A 16 -3.20 -0.24 -0.15
N CYS A 17 -2.02 -0.76 -0.45
CA CYS A 17 -1.58 -0.79 -1.87
C CYS A 17 -2.36 -1.84 -2.66
N THR A 18 -2.63 -1.56 -3.94
CA THR A 18 -3.36 -2.50 -4.79
C THR A 18 -2.41 -3.32 -5.65
N GLY A 19 -1.29 -3.71 -5.07
CA GLY A 19 -0.30 -4.49 -5.78
C GLY A 19 1.03 -4.46 -5.06
N PRO A 20 1.52 -5.59 -4.53
CA PRO A 20 2.79 -5.62 -3.79
C PRO A 20 3.91 -4.90 -4.54
N CYS A 21 4.56 -3.99 -3.81
CA CYS A 21 5.66 -3.19 -4.36
C CYS A 21 7.00 -3.86 -4.07
N PRO A 22 8.10 -3.39 -4.68
CA PRO A 22 9.43 -3.94 -4.45
C PRO A 22 9.80 -3.91 -2.96
N GLY A 23 9.54 -2.79 -2.32
CA GLY A 23 9.84 -2.64 -0.90
C GLY A 23 8.93 -3.49 -0.03
N ALA A 24 8.66 -3.02 1.18
CA ALA A 24 7.80 -3.75 2.10
C ALA A 24 7.19 -2.86 3.19
N GLY A 25 6.53 -1.77 2.79
CA GLY A 25 5.91 -0.90 3.77
C GLY A 25 6.25 0.58 3.60
N TRP A 26 6.83 0.96 2.47
CA TRP A 26 7.16 2.37 2.24
C TRP A 26 6.16 3.02 1.27
N LEU A 27 5.40 4.00 1.75
CA LEU A 27 4.43 4.66 0.90
C LEU A 27 4.60 6.17 0.85
N MET A 28 4.43 6.71 -0.35
CA MET A 28 4.49 8.14 -0.58
C MET A 28 3.71 8.45 -1.85
N LYS A 29 2.38 8.49 -1.74
CA LYS A 29 1.51 8.76 -2.89
C LYS A 29 0.04 8.53 -2.54
N ASP A 30 -0.38 7.26 -2.46
CA ASP A 30 -1.77 6.93 -2.15
C ASP A 30 -1.92 5.88 -1.06
N CYS A 31 -1.88 4.59 -1.43
CA CYS A 31 -2.05 3.50 -0.46
C CYS A 31 -0.79 2.59 -0.36
N LEU A 32 -0.50 2.11 0.86
CA LEU A 32 0.70 1.29 1.17
C LEU A 32 0.43 -0.22 1.15
N CYS A 33 1.41 -0.99 0.71
CA CYS A 33 1.27 -2.44 0.65
C CYS A 33 1.12 -3.05 2.04
N CYS A 34 -0.13 -3.33 2.42
CA CYS A 34 -0.43 -3.92 3.72
C CYS A 34 0.29 -5.26 3.89
N GLY A 1 6.33 5.55 -4.47
CA GLY A 1 5.44 4.73 -3.60
C GLY A 1 4.77 3.61 -4.36
N CYS A 2 3.46 3.46 -4.14
CA CYS A 2 2.70 2.42 -4.82
C CYS A 2 1.35 2.95 -5.28
N LYS A 3 0.49 2.04 -5.76
CA LYS A 3 -0.83 2.40 -6.26
C LYS A 3 -1.82 2.71 -5.14
N PRO A 4 -2.94 3.41 -5.48
CA PRO A 4 -3.99 3.77 -4.52
C PRO A 4 -4.93 2.62 -4.18
N LYS A 5 -5.82 2.85 -3.22
CA LYS A 5 -6.80 1.86 -2.77
C LYS A 5 -7.49 1.13 -3.93
N GLY A 6 -8.33 0.15 -3.57
CA GLY A 6 -9.04 -0.62 -4.56
C GLY A 6 -8.69 -2.10 -4.54
N ALA A 7 -7.70 -2.46 -3.73
CA ALA A 7 -7.29 -3.85 -3.61
C ALA A 7 -7.66 -4.42 -2.23
N PRO A 8 -8.00 -5.72 -2.15
CA PRO A 8 -8.37 -6.35 -0.88
C PRO A 8 -7.19 -6.53 0.05
N CYS A 9 -7.30 -5.98 1.26
CA CYS A 9 -6.25 -6.07 2.27
C CYS A 9 -6.61 -5.22 3.49
N SER A 10 -5.95 -5.49 4.60
CA SER A 10 -6.19 -4.74 5.83
C SER A 10 -4.97 -3.90 6.17
N PRO A 11 -5.11 -2.55 6.16
CA PRO A 11 -4.00 -1.65 6.48
C PRO A 11 -3.40 -1.91 7.86
N LEU A 12 -2.08 -2.03 7.91
CA LEU A 12 -1.37 -2.25 9.16
C LEU A 12 -0.64 -0.99 9.57
N MET A 13 -1.39 -0.04 10.12
CA MET A 13 -0.85 1.25 10.56
C MET A 13 -0.49 2.12 9.34
N TYR A 14 -0.37 1.47 8.18
CA TYR A 14 -0.06 2.16 6.95
C TYR A 14 -1.14 1.91 5.89
N PRO A 15 -1.40 2.90 5.02
CA PRO A 15 -2.41 2.80 3.96
C PRO A 15 -2.38 1.47 3.18
N CYS A 16 -3.40 1.30 2.35
CA CYS A 16 -3.68 0.08 1.53
C CYS A 16 -3.16 0.03 0.06
N CYS A 17 -1.98 -0.53 -0.22
CA CYS A 17 -1.53 -0.58 -1.62
C CYS A 17 -2.52 -1.36 -2.48
N THR A 18 -2.48 -1.14 -3.79
CA THR A 18 -3.37 -1.84 -4.71
C THR A 18 -2.70 -3.10 -5.23
N GLY A 19 -1.37 -3.11 -5.21
CA GLY A 19 -0.61 -4.26 -5.66
C GLY A 19 0.67 -4.41 -4.87
N PRO A 20 1.20 -5.63 -4.71
CA PRO A 20 2.42 -5.85 -3.94
C PRO A 20 3.57 -4.96 -4.44
N CYS A 21 4.19 -4.24 -3.51
CA CYS A 21 5.30 -3.36 -3.84
C CYS A 21 6.63 -4.09 -3.71
N PRO A 22 7.70 -3.56 -4.34
CA PRO A 22 9.04 -4.15 -4.27
C PRO A 22 9.75 -3.79 -2.96
N GLY A 23 9.15 -2.87 -2.20
CA GLY A 23 9.73 -2.45 -0.94
C GLY A 23 9.11 -3.18 0.23
N ALA A 24 9.09 -2.54 1.40
CA ALA A 24 8.52 -3.17 2.59
C ALA A 24 8.01 -2.13 3.59
N GLY A 25 6.82 -1.60 3.33
CA GLY A 25 6.23 -0.61 4.22
C GLY A 25 6.55 0.82 3.85
N TRP A 26 7.00 1.04 2.62
CA TRP A 26 7.33 2.39 2.17
C TRP A 26 6.23 2.93 1.26
N LEU A 27 5.66 4.08 1.63
CA LEU A 27 4.59 4.68 0.83
C LEU A 27 4.94 6.09 0.37
N MET A 28 4.78 6.33 -0.92
CA MET A 28 5.01 7.64 -1.49
C MET A 28 4.15 7.80 -2.75
N LYS A 29 2.86 8.11 -2.53
CA LYS A 29 1.90 8.30 -3.62
C LYS A 29 0.46 8.32 -3.08
N ASP A 30 -0.02 7.17 -2.62
CA ASP A 30 -1.39 7.09 -2.09
C ASP A 30 -1.55 6.08 -0.94
N CYS A 31 -1.63 4.79 -1.26
CA CYS A 31 -1.82 3.76 -0.23
C CYS A 31 -0.56 2.86 -0.08
N LEU A 32 -0.36 2.31 1.14
CA LEU A 32 0.82 1.47 1.48
C LEU A 32 0.52 -0.03 1.41
N CYS A 33 1.50 -0.80 0.98
CA CYS A 33 1.31 -2.25 0.88
C CYS A 33 1.25 -2.91 2.25
N CYS A 34 0.02 -3.07 2.76
CA CYS A 34 -0.20 -3.68 4.05
C CYS A 34 0.36 -5.10 4.08
N GLY A 1 6.18 6.38 -4.33
CA GLY A 1 5.33 5.52 -3.46
C GLY A 1 4.99 4.19 -4.12
N CYS A 2 3.74 3.76 -3.97
CA CYS A 2 3.31 2.50 -4.56
C CYS A 2 1.87 2.62 -5.09
N LYS A 3 1.32 1.49 -5.52
CA LYS A 3 -0.03 1.44 -6.08
C LYS A 3 -1.04 2.16 -5.17
N PRO A 4 -2.19 2.59 -5.76
CA PRO A 4 -3.25 3.28 -5.03
C PRO A 4 -4.25 2.32 -4.39
N LYS A 5 -5.13 2.89 -3.56
CA LYS A 5 -6.16 2.12 -2.87
C LYS A 5 -7.10 1.41 -3.86
N GLY A 6 -8.02 0.61 -3.31
CA GLY A 6 -8.97 -0.12 -4.13
C GLY A 6 -8.81 -1.62 -4.05
N ALA A 7 -7.87 -2.09 -3.24
CA ALA A 7 -7.64 -3.52 -3.07
C ALA A 7 -8.06 -3.98 -1.67
N PRO A 8 -8.82 -5.09 -1.56
CA PRO A 8 -9.26 -5.61 -0.27
C PRO A 8 -8.09 -6.06 0.60
N CYS A 9 -7.98 -5.49 1.79
CA CYS A 9 -6.91 -5.80 2.73
C CYS A 9 -6.95 -4.88 3.93
N SER A 10 -6.39 -5.33 5.04
CA SER A 10 -6.37 -4.54 6.27
C SER A 10 -5.02 -3.83 6.41
N PRO A 11 -5.01 -2.49 6.38
CA PRO A 11 -3.77 -1.71 6.51
C PRO A 11 -3.10 -1.88 7.88
N LEU A 12 -1.80 -2.15 7.86
CA LEU A 12 -1.04 -2.33 9.08
C LEU A 12 -0.26 -1.05 9.40
N MET A 13 -0.96 -0.08 10.00
CA MET A 13 -0.36 1.21 10.36
C MET A 13 -0.11 2.07 9.12
N TYR A 14 0.01 1.41 7.97
CA TYR A 14 0.24 2.10 6.71
C TYR A 14 -0.89 1.81 5.72
N PRO A 15 -1.24 2.79 4.86
CA PRO A 15 -2.32 2.66 3.87
C PRO A 15 -2.30 1.34 3.08
N CYS A 16 -3.37 1.12 2.32
CA CYS A 16 -3.65 -0.10 1.50
C CYS A 16 -3.24 -0.11 0.00
N CYS A 17 -2.06 -0.58 -0.39
CA CYS A 17 -1.71 -0.58 -1.81
C CYS A 17 -2.45 -1.70 -2.55
N THR A 18 -2.72 -1.49 -3.84
CA THR A 18 -3.44 -2.49 -4.64
C THR A 18 -2.47 -3.39 -5.41
N GLY A 19 -1.20 -2.99 -5.43
CA GLY A 19 -0.19 -3.77 -6.11
C GLY A 19 1.04 -3.92 -5.25
N PRO A 20 1.29 -5.11 -4.66
CA PRO A 20 2.44 -5.31 -3.79
C PRO A 20 3.74 -4.79 -4.39
N CYS A 21 4.43 -3.97 -3.61
CA CYS A 21 5.71 -3.39 -4.01
C CYS A 21 6.89 -4.24 -3.53
N PRO A 22 8.13 -3.88 -3.92
CA PRO A 22 9.32 -4.61 -3.49
C PRO A 22 9.75 -4.22 -2.08
N GLY A 23 9.33 -3.03 -1.65
CA GLY A 23 9.67 -2.55 -0.32
C GLY A 23 8.62 -2.93 0.71
N ALA A 24 7.36 -2.93 0.28
CA ALA A 24 6.24 -3.27 1.15
C ALA A 24 6.34 -2.59 2.51
N GLY A 25 5.94 -1.33 2.58
CA GLY A 25 5.99 -0.61 3.83
C GLY A 25 6.26 0.88 3.67
N TRP A 26 6.81 1.26 2.52
CA TRP A 26 7.13 2.66 2.26
C TRP A 26 6.12 3.25 1.28
N LEU A 27 5.34 4.24 1.71
CA LEU A 27 4.36 4.81 0.81
C LEU A 27 4.49 6.32 0.65
N MET A 28 4.48 6.74 -0.60
CA MET A 28 4.53 8.14 -0.97
C MET A 28 3.76 8.31 -2.28
N LYS A 29 2.44 8.35 -2.17
CA LYS A 29 1.57 8.49 -3.35
C LYS A 29 0.10 8.35 -2.95
N ASP A 30 -0.33 7.13 -2.59
CA ASP A 30 -1.71 6.89 -2.21
C ASP A 30 -1.86 5.89 -1.05
N CYS A 31 -1.88 4.60 -1.36
CA CYS A 31 -2.06 3.56 -0.33
C CYS A 31 -0.85 2.60 -0.27
N LEU A 32 -0.44 2.22 0.97
CA LEU A 32 0.74 1.36 1.22
C LEU A 32 0.47 -0.14 1.15
N CYS A 33 1.44 -0.88 0.63
CA CYS A 33 1.29 -2.33 0.49
C CYS A 33 1.21 -3.03 1.85
N CYS A 34 -0.02 -3.30 2.28
CA CYS A 34 -0.26 -3.97 3.55
C CYS A 34 0.41 -5.34 3.58
N GLY A 1 7.36 5.53 -3.64
CA GLY A 1 5.92 5.53 -4.05
C GLY A 1 5.41 4.14 -4.39
N CYS A 2 4.13 3.91 -4.14
CA CYS A 2 3.53 2.61 -4.42
C CYS A 2 2.13 2.77 -4.99
N LYS A 3 1.56 1.66 -5.46
CA LYS A 3 0.22 1.64 -6.04
C LYS A 3 -0.82 2.27 -5.11
N PRO A 4 -1.96 2.71 -5.68
CA PRO A 4 -3.05 3.33 -4.92
C PRO A 4 -4.02 2.32 -4.33
N LYS A 5 -4.94 2.83 -3.51
CA LYS A 5 -5.96 2.00 -2.87
C LYS A 5 -6.74 1.16 -3.88
N GLY A 6 -7.64 0.33 -3.36
CA GLY A 6 -8.46 -0.52 -4.22
C GLY A 6 -8.23 -2.01 -4.01
N ALA A 7 -7.41 -2.36 -3.02
CA ALA A 7 -7.15 -3.76 -2.72
C ALA A 7 -7.76 -4.15 -1.37
N PRO A 8 -8.29 -5.38 -1.26
CA PRO A 8 -8.90 -5.84 -0.01
C PRO A 8 -7.84 -6.13 1.05
N CYS A 9 -7.97 -5.48 2.21
CA CYS A 9 -7.02 -5.63 3.30
C CYS A 9 -7.27 -4.61 4.40
N SER A 10 -6.95 -4.98 5.63
CA SER A 10 -7.11 -4.07 6.76
C SER A 10 -5.79 -3.33 7.00
N PRO A 11 -5.77 -2.00 6.83
CA PRO A 11 -4.56 -1.20 7.02
C PRO A 11 -3.86 -1.48 8.34
N LEU A 12 -2.56 -1.72 8.26
CA LEU A 12 -1.73 -1.99 9.43
C LEU A 12 -0.76 -0.84 9.65
N MET A 13 -1.27 0.25 10.21
CA MET A 13 -0.47 1.45 10.47
C MET A 13 -0.22 2.20 9.17
N TYR A 14 -0.09 1.46 8.07
CA TYR A 14 0.15 2.06 6.76
C TYR A 14 -0.99 1.74 5.79
N PRO A 15 -1.32 2.69 4.90
CA PRO A 15 -2.38 2.54 3.90
C PRO A 15 -2.33 1.21 3.10
N CYS A 16 -3.39 0.98 2.32
CA CYS A 16 -3.64 -0.24 1.50
C CYS A 16 -3.23 -0.23 0.00
N CYS A 17 -2.04 -0.67 -0.38
CA CYS A 17 -1.69 -0.64 -1.82
C CYS A 17 -2.51 -1.66 -2.59
N THR A 18 -2.73 -1.39 -3.89
CA THR A 18 -3.48 -2.30 -4.74
C THR A 18 -2.56 -3.21 -5.54
N GLY A 19 -1.29 -2.82 -5.60
CA GLY A 19 -0.30 -3.60 -6.32
C GLY A 19 1.00 -3.68 -5.56
N PRO A 20 1.47 -4.88 -5.18
CA PRO A 20 2.71 -5.01 -4.42
C PRO A 20 3.89 -4.32 -5.08
N CYS A 21 4.54 -3.45 -4.32
CA CYS A 21 5.71 -2.73 -4.80
C CYS A 21 7.00 -3.47 -4.41
N PRO A 22 8.18 -3.02 -4.90
CA PRO A 22 9.45 -3.65 -4.55
C PRO A 22 9.69 -3.69 -3.04
N GLY A 23 9.45 -2.56 -2.38
CA GLY A 23 9.63 -2.48 -0.94
C GLY A 23 8.55 -3.22 -0.18
N ALA A 24 8.43 -2.93 1.12
CA ALA A 24 7.43 -3.58 1.95
C ALA A 24 7.08 -2.73 3.18
N GLY A 25 6.32 -1.66 2.96
CA GLY A 25 5.94 -0.81 4.07
C GLY A 25 6.25 0.66 3.84
N TRP A 26 6.80 0.98 2.69
CA TRP A 26 7.14 2.37 2.36
C TRP A 26 6.12 2.92 1.37
N LEU A 27 5.43 4.00 1.74
CA LEU A 27 4.43 4.58 0.86
C LEU A 27 4.68 6.04 0.53
N MET A 28 4.47 6.38 -0.73
CA MET A 28 4.58 7.74 -1.23
C MET A 28 3.73 7.86 -2.48
N LYS A 29 2.41 8.01 -2.28
CA LYS A 29 1.47 8.11 -3.39
C LYS A 29 0.03 8.12 -2.90
N ASP A 30 -0.48 6.95 -2.53
CA ASP A 30 -1.87 6.84 -2.06
C ASP A 30 -2.03 5.79 -0.95
N CYS A 31 -1.89 4.50 -1.29
CA CYS A 31 -2.07 3.44 -0.30
C CYS A 31 -0.84 2.50 -0.23
N LEU A 32 -0.43 2.12 1.01
CA LEU A 32 0.77 1.28 1.27
C LEU A 32 0.49 -0.22 1.17
N CYS A 33 1.46 -0.97 0.65
CA CYS A 33 1.31 -2.41 0.50
C CYS A 33 1.26 -3.12 1.85
N CYS A 34 0.05 -3.51 2.24
CA CYS A 34 -0.16 -4.22 3.51
C CYS A 34 1.00 -5.17 3.83
N GLY A 1 6.72 5.15 -4.53
CA GLY A 1 5.63 4.58 -3.70
C GLY A 1 4.92 3.42 -4.38
N CYS A 2 3.60 3.39 -4.28
CA CYS A 2 2.82 2.33 -4.89
C CYS A 2 1.47 2.84 -5.37
N LYS A 3 0.58 1.93 -5.75
CA LYS A 3 -0.74 2.30 -6.25
C LYS A 3 -1.72 2.67 -5.13
N PRO A 4 -2.81 3.39 -5.47
CA PRO A 4 -3.83 3.82 -4.50
C PRO A 4 -4.80 2.70 -4.15
N LYS A 5 -5.67 2.98 -3.17
CA LYS A 5 -6.68 2.01 -2.72
C LYS A 5 -7.42 1.34 -3.87
N GLY A 6 -8.29 0.38 -3.53
CA GLY A 6 -9.05 -0.34 -4.53
C GLY A 6 -8.75 -1.83 -4.55
N ALA A 7 -7.71 -2.24 -3.84
CA ALA A 7 -7.34 -3.65 -3.76
C ALA A 7 -7.61 -4.20 -2.36
N PRO A 8 -8.22 -5.39 -2.24
CA PRO A 8 -8.53 -5.99 -0.94
C PRO A 8 -7.28 -6.20 -0.10
N CYS A 9 -7.28 -5.62 1.10
CA CYS A 9 -6.15 -5.73 2.02
C CYS A 9 -6.43 -4.96 3.30
N SER A 10 -5.94 -5.47 4.43
CA SER A 10 -6.12 -4.81 5.71
C SER A 10 -4.90 -3.96 6.06
N PRO A 11 -5.06 -2.62 6.16
CA PRO A 11 -3.95 -1.72 6.49
C PRO A 11 -3.44 -1.92 7.91
N LEU A 12 -2.11 -2.03 8.04
CA LEU A 12 -1.48 -2.19 9.35
C LEU A 12 -0.69 -0.93 9.69
N MET A 13 -1.38 0.06 10.26
CA MET A 13 -0.78 1.34 10.63
C MET A 13 -0.50 2.19 9.40
N TYR A 14 -0.33 1.52 8.24
CA TYR A 14 -0.06 2.20 7.00
C TYR A 14 -1.14 1.87 5.95
N PRO A 15 -1.45 2.83 5.07
CA PRO A 15 -2.46 2.65 4.01
C PRO A 15 -2.35 1.33 3.23
N CYS A 16 -3.36 1.09 2.39
CA CYS A 16 -3.57 -0.13 1.58
C CYS A 16 -3.06 -0.15 0.10
N CYS A 17 -1.85 -0.64 -0.19
CA CYS A 17 -1.38 -0.65 -1.58
C CYS A 17 -2.37 -1.44 -2.45
N THR A 18 -2.41 -1.11 -3.75
CA THR A 18 -3.29 -1.81 -4.67
C THR A 18 -2.60 -3.03 -5.24
N GLY A 19 -1.28 -2.98 -5.26
CA GLY A 19 -0.49 -4.09 -5.77
C GLY A 19 0.76 -4.29 -4.94
N PRO A 20 1.24 -5.53 -4.77
CA PRO A 20 2.43 -5.78 -3.97
C PRO A 20 3.61 -4.93 -4.42
N CYS A 21 4.23 -4.25 -3.47
CA CYS A 21 5.38 -3.40 -3.75
C CYS A 21 6.68 -4.15 -3.58
N PRO A 22 7.79 -3.65 -4.17
CA PRO A 22 9.10 -4.27 -4.03
C PRO A 22 9.78 -3.89 -2.72
N GLY A 23 9.27 -2.82 -2.10
CA GLY A 23 9.80 -2.36 -0.85
C GLY A 23 8.96 -2.81 0.34
N ALA A 24 7.66 -2.91 0.11
CA ALA A 24 6.71 -3.34 1.13
C ALA A 24 6.94 -2.63 2.46
N GLY A 25 6.28 -1.48 2.63
CA GLY A 25 6.40 -0.73 3.86
C GLY A 25 6.60 0.76 3.65
N TRP A 26 7.04 1.12 2.45
CA TRP A 26 7.25 2.53 2.13
C TRP A 26 6.13 3.04 1.23
N LEU A 27 5.55 4.18 1.58
CA LEU A 27 4.46 4.73 0.80
C LEU A 27 4.77 6.14 0.27
N MET A 28 4.67 6.28 -1.03
CA MET A 28 4.88 7.56 -1.69
C MET A 28 3.96 7.64 -2.90
N LYS A 29 2.68 7.93 -2.63
CA LYS A 29 1.66 8.02 -3.68
C LYS A 29 0.26 8.15 -3.09
N ASP A 30 -0.25 7.03 -2.54
CA ASP A 30 -1.59 7.02 -1.94
C ASP A 30 -1.74 5.98 -0.83
N CYS A 31 -1.77 4.69 -1.18
CA CYS A 31 -1.94 3.63 -0.17
C CYS A 31 -0.64 2.78 -0.03
N LEU A 32 -0.42 2.24 1.18
CA LEU A 32 0.79 1.44 1.53
C LEU A 32 0.55 -0.07 1.48
N CYS A 33 1.54 -0.83 1.04
CA CYS A 33 1.39 -2.28 0.99
C CYS A 33 1.37 -2.89 2.38
N CYS A 34 0.17 -3.28 2.84
CA CYS A 34 -0.01 -3.89 4.16
C CYS A 34 1.18 -4.75 4.54
#